data_6Q0A
#
_entry.id   6Q0A
#
_cell.length_a   139.409
_cell.length_b   139.409
_cell.length_c   139.409
_cell.angle_alpha   90.000
_cell.angle_beta   90.000
_cell.angle_gamma   90.000
#
_symmetry.space_group_name_H-M   'I 2 3'
#
loop_
_entity.id
_entity.type
_entity.pdbx_description
1 polymer 'UDP-N-acetylglucosamine 1-carboxyvinyltransferase'
2 non-polymer 1,2-ETHANEDIOL
3 non-polymer '(2R)-2-{[(2R,3R,4R,5S,6R)-3-(acetylamino)-2-{[(S)-{[(R)-{[(2R,3S,4R,5R)-5-(2,4-dioxo-3,4-dihydropyrimidin-1(2H)-yl)-3,4-dihydroxytetrahydrofuran-2-yl]methoxy}(hydroxy)phosphoryl]oxy}(hydroxy)phosphoryl]oxy}-5-hydroxy-6-(hydroxymethyl)tetrahydro-2H-pyran-4-yl]oxy}propanoic acid'
4 water water
#
_entity_poly.entity_id   1
_entity_poly.type   'polypeptide(L)'
_entity_poly.pdbx_seq_one_letter_code
;GGGHMAKIIVKKSNPLKGSVKIDGAKNAVLPIIAATLLANGKSTLNGVPNLRDVHVISDLLRHVGAEVEYKENTLTVDAS
NIKTCEAPYELVRKMRASFLVMGPLLARFNSTKISMPGGDAIGTRPIDLHLKGFKALGAKIEMDHGFVEAATEKLVGNKL
YLDFPSVGATENIMMAASLAEGTTIIENAAEEPEIVDLANFLNEMGADVKGAGTNTIKIKGVKELKGAEHNVIPDRIEAA
TYMVAAAMTKGDITVENVLMEHLKPVVAKLREAGCEITEMDNSVRVVGPKVLKPIDIKTLPHPGFPTDVQAQFMAMLTVA
NGTGVVIETVFENRFMHVAEFNRMGANIKIDGRSAVVNGVDELHGAAVNATDLRAGAALILCGLIAEGETQIGEIYHIQR
GYVDIDKKITALGGQIEIVED
;
_entity_poly.pdbx_strand_id   A
#
loop_
_chem_comp.id
_chem_comp.type
_chem_comp.name
_chem_comp.formula
EDO non-polymer 1,2-ETHANEDIOL 'C2 H6 O2'
EPZ non-polymer '(2R)-2-{[(2R,3R,4R,5S,6R)-3-(acetylamino)-2-{[(S)-{[(R)-{[(2R,3S,4R,5R)-5-(2,4-dioxo-3,4-dihydropyrimidin-1(2H)-yl)-3,4-dihydroxytetrahydrofuran-2-yl]methoxy}(hydroxy)phosphoryl]oxy}(hydroxy)phosphoryl]oxy}-5-hydroxy-6-(hydroxymethyl)tetrahydro-2H-pyran-4-yl]oxy}propanoic acid' 'C20 H31 N3 O19 P2'
#
# COMPACT_ATOMS: atom_id res chain seq x y z
N MET A 5 -9.59 24.69 -7.41
CA MET A 5 -8.43 23.77 -7.52
C MET A 5 -8.85 22.49 -8.25
N ALA A 6 -7.95 21.53 -8.34
CA ALA A 6 -7.96 20.51 -9.39
C ALA A 6 -9.08 19.51 -9.13
N LYS A 7 -9.67 19.02 -10.22
CA LYS A 7 -10.78 18.04 -10.13
C LYS A 7 -10.51 16.89 -11.09
N ILE A 8 -11.08 15.73 -10.78
CA ILE A 8 -11.19 14.62 -11.76
C ILE A 8 -12.65 14.55 -12.18
N ILE A 9 -12.89 14.67 -13.46
CA ILE A 9 -14.25 14.61 -14.04
C ILE A 9 -14.43 13.27 -14.71
N VAL A 10 -15.39 12.50 -14.22
CA VAL A 10 -15.67 11.17 -14.77
C VAL A 10 -17.08 11.22 -15.29
N LYS A 11 -17.31 10.69 -16.49
CA LYS A 11 -18.68 10.52 -17.00
C LYS A 11 -19.07 9.07 -17.10
N LYS A 12 -20.38 8.83 -17.01
CA LYS A 12 -20.99 7.56 -17.37
C LYS A 12 -20.29 7.01 -18.59
N SER A 13 -19.73 5.82 -18.47
CA SER A 13 -18.80 5.31 -19.49
C SER A 13 -19.32 4.02 -20.10
N ASN A 14 -18.76 3.73 -21.26
CA ASN A 14 -18.96 2.41 -21.88
C ASN A 14 -18.30 1.34 -21.04
N PRO A 15 -18.67 0.06 -21.26
CA PRO A 15 -17.98 -1.02 -20.59
C PRO A 15 -16.48 -0.92 -20.90
N LEU A 16 -15.64 -1.04 -19.87
CA LEU A 16 -14.19 -0.92 -20.11
C LEU A 16 -13.72 -2.16 -20.86
N LYS A 17 -12.85 -1.97 -21.87
CA LYS A 17 -12.33 -3.09 -22.68
C LYS A 17 -10.91 -2.80 -23.13
N GLY A 18 -10.07 -3.81 -23.05
CA GLY A 18 -8.67 -3.66 -23.46
C GLY A 18 -7.69 -4.16 -22.42
N SER A 19 -6.46 -3.71 -22.57
CA SER A 19 -5.34 -4.15 -21.72
C SER A 19 -4.87 -2.96 -20.90
N VAL A 20 -4.44 -3.23 -19.68
CA VAL A 20 -3.81 -2.17 -18.88
C VAL A 20 -2.55 -2.76 -18.24
N LYS A 21 -1.44 -2.07 -18.39
CA LYS A 21 -0.20 -2.48 -17.73
C LYS A 21 -0.18 -1.90 -16.33
N ILE A 22 0.13 -2.74 -15.35
CA ILE A 22 0.24 -2.33 -13.94
C ILE A 22 1.66 -1.87 -13.62
N ASP A 23 1.76 -0.82 -12.83
CA ASP A 23 3.07 -0.25 -12.41
C ASP A 23 3.64 -1.05 -11.23
N GLY A 24 4.87 -0.71 -10.85
CA GLY A 24 5.51 -1.32 -9.69
C GLY A 24 4.78 -0.94 -8.41
N ALA A 25 4.80 -1.83 -7.43
CA ALA A 25 4.06 -1.64 -6.17
C ALA A 25 4.57 -0.45 -5.37
N LYS A 26 3.70 0.53 -5.12
CA LYS A 26 4.02 1.61 -4.16
C LYS A 26 4.46 1.02 -2.83
N ASN A 27 3.71 0.03 -2.31
CA ASN A 27 3.94 -0.45 -0.94
C ASN A 27 5.08 -1.48 -0.90
N ALA A 28 5.59 -1.91 -2.04
CA ALA A 28 6.88 -2.66 -2.07
C ALA A 28 8.04 -1.67 -2.13
N VAL A 29 7.92 -0.68 -3.00
CA VAL A 29 9.07 0.22 -3.22
C VAL A 29 9.33 1.10 -2.00
N LEU A 30 8.33 1.51 -1.18
CA LEU A 30 8.63 2.45 -0.09
C LEU A 30 9.53 1.79 0.94
N PRO A 31 9.19 0.58 1.45
CA PRO A 31 10.11 -0.06 2.39
C PRO A 31 11.48 -0.43 1.76
N ILE A 32 11.49 -0.83 0.51
CA ILE A 32 12.75 -1.15 -0.18
C ILE A 32 13.63 0.09 -0.34
N ILE A 33 13.03 1.26 -0.63
CA ILE A 33 13.81 2.50 -0.61
C ILE A 33 14.40 2.75 0.79
N ALA A 34 13.64 2.62 1.88
CA ALA A 34 14.19 2.78 3.23
C ALA A 34 15.37 1.80 3.39
N ALA A 35 15.21 0.58 2.91
CA ALA A 35 16.22 -0.49 3.13
C ALA A 35 17.55 -0.15 2.45
N THR A 36 17.51 0.66 1.39
CA THR A 36 18.79 1.03 0.73
C THR A 36 19.70 1.72 1.74
N LEU A 37 19.19 2.34 2.78
CA LEU A 37 20.01 3.02 3.79
C LEU A 37 20.88 2.02 4.57
N LEU A 38 20.57 0.74 4.52
CA LEU A 38 21.32 -0.27 5.29
C LEU A 38 22.70 -0.50 4.68
N ALA A 39 22.89 -0.11 3.42
CA ALA A 39 24.03 -0.62 2.65
C ALA A 39 25.10 0.45 2.45
N ASN A 40 26.35 -0.02 2.48
CA ASN A 40 27.53 0.84 2.25
C ASN A 40 27.90 0.67 0.78
N GLY A 41 27.06 1.22 -0.09
CA GLY A 41 27.29 1.23 -1.53
C GLY A 41 26.03 1.64 -2.27
N LYS A 42 26.00 1.32 -3.56
CA LYS A 42 24.96 1.89 -4.47
C LYS A 42 23.95 0.81 -4.82
N SER A 43 22.66 1.05 -4.48
CA SER A 43 21.57 0.18 -4.92
C SER A 43 20.91 0.74 -6.18
N THR A 44 20.34 -0.15 -6.97
CA THR A 44 19.62 0.17 -8.20
C THR A 44 18.25 -0.50 -8.13
N LEU A 45 17.18 0.30 -8.08
CA LEU A 45 15.81 -0.25 -7.99
C LEU A 45 15.15 -0.02 -9.34
N ASN A 46 14.69 -1.07 -9.97
CA ASN A 46 14.01 -0.97 -11.26
C ASN A 46 12.52 -1.21 -11.07
N GLY A 47 11.72 -0.73 -12.00
CA GLY A 47 10.26 -0.84 -11.94
C GLY A 47 9.71 0.04 -10.83
N VAL A 48 10.34 1.19 -10.60
CA VAL A 48 9.82 2.13 -9.55
C VAL A 48 8.70 2.94 -10.17
N PRO A 49 7.53 3.01 -9.52
CA PRO A 49 6.43 3.79 -10.05
C PRO A 49 6.66 5.30 -9.83
N ASN A 50 6.26 6.06 -10.84
CA ASN A 50 6.50 7.52 -10.83
C ASN A 50 5.40 8.19 -10.01
N LEU A 51 5.51 8.08 -8.70
CA LEU A 51 4.50 8.60 -7.75
C LEU A 51 5.11 9.62 -6.81
N ARG A 52 4.30 10.59 -6.37
CA ARG A 52 4.74 11.62 -5.39
C ARG A 52 5.30 10.94 -4.15
N ASP A 53 4.70 9.84 -3.65
CA ASP A 53 5.19 9.29 -2.36
C ASP A 53 6.61 8.74 -2.55
N VAL A 54 6.91 8.23 -3.74
CA VAL A 54 8.30 7.77 -4.06
C VAL A 54 9.25 8.97 -4.01
N HIS A 55 8.81 10.09 -4.54
CA HIS A 55 9.64 11.33 -4.56
C HIS A 55 9.78 11.95 -3.17
N VAL A 56 8.77 11.83 -2.30
CA VAL A 56 8.89 12.31 -0.88
C VAL A 56 9.90 11.46 -0.13
N ILE A 57 9.76 10.13 -0.14
CA ILE A 57 10.75 9.31 0.60
C ILE A 57 12.15 9.54 -0.01
N SER A 58 12.25 9.75 -1.32
CA SER A 58 13.56 10.10 -1.95
C SER A 58 14.13 11.38 -1.27
N ASP A 59 13.28 12.35 -0.99
CA ASP A 59 13.76 13.59 -0.38
C ASP A 59 14.13 13.34 1.07
N LEU A 60 13.48 12.38 1.73
CA LEU A 60 13.91 12.02 3.09
C LEU A 60 15.29 11.35 3.05
N LEU A 61 15.55 10.51 2.09
CA LEU A 61 16.89 9.89 1.96
C LEU A 61 17.92 11.00 1.71
N ARG A 62 17.57 11.99 0.90
CA ARG A 62 18.52 13.11 0.64
C ARG A 62 18.77 13.87 1.95
N HIS A 63 17.72 14.07 2.74
CA HIS A 63 17.79 14.73 4.05
C HIS A 63 18.84 14.04 4.92
N VAL A 64 18.89 12.70 4.93
CA VAL A 64 19.85 12.03 5.84
C VAL A 64 21.24 11.89 5.17
N GLY A 65 21.36 12.20 3.90
CA GLY A 65 22.65 12.38 3.20
C GLY A 65 22.95 11.31 2.19
N ALA A 66 21.96 10.49 1.81
CA ALA A 66 22.13 9.55 0.71
C ALA A 66 22.11 10.30 -0.64
N GLU A 67 22.83 9.75 -1.61
CA GLU A 67 22.81 10.22 -3.03
C GLU A 67 21.66 9.50 -3.75
N VAL A 68 20.66 10.25 -4.18
CA VAL A 68 19.45 9.68 -4.88
C VAL A 68 19.32 10.24 -6.30
N GLU A 69 19.09 9.34 -7.24
CA GLU A 69 18.83 9.76 -8.64
C GLU A 69 17.67 8.95 -9.18
N TYR A 70 16.73 9.64 -9.80
CA TYR A 70 15.56 8.97 -10.40
C TYR A 70 15.54 9.24 -11.88
N LYS A 71 15.44 8.22 -12.71
CA LYS A 71 14.94 8.44 -14.07
C LYS A 71 14.30 7.20 -14.66
N GLU A 72 13.25 7.43 -15.43
CA GLU A 72 12.61 6.38 -16.24
C GLU A 72 12.38 5.13 -15.39
N ASN A 73 11.76 5.28 -14.22
CA ASN A 73 11.34 4.12 -13.39
C ASN A 73 12.53 3.42 -12.74
N THR A 74 13.70 4.02 -12.75
CA THR A 74 14.87 3.50 -12.00
C THR A 74 15.32 4.53 -10.97
N LEU A 75 15.44 4.06 -9.74
CA LEU A 75 15.99 4.88 -8.65
C LEU A 75 17.29 4.27 -8.17
N THR A 76 18.34 5.06 -8.07
CA THR A 76 19.62 4.61 -7.48
C THR A 76 19.81 5.36 -6.19
N VAL A 77 20.29 4.66 -5.17
CA VAL A 77 20.66 5.22 -3.87
C VAL A 77 22.10 4.81 -3.54
N ASP A 78 22.94 5.79 -3.25
CA ASP A 78 24.27 5.54 -2.61
C ASP A 78 24.20 5.98 -1.16
N ALA A 79 24.11 5.01 -0.27
CA ALA A 79 24.01 5.33 1.16
C ALA A 79 25.39 5.17 1.81
N SER A 80 26.46 5.15 1.01
CA SER A 80 27.83 4.93 1.53
C SER A 80 28.11 5.92 2.67
N ASN A 81 27.74 7.17 2.47
CA ASN A 81 28.18 8.29 3.32
C ASN A 81 26.97 9.03 3.86
N ILE A 82 26.03 8.32 4.49
CA ILE A 82 24.95 8.93 5.31
C ILE A 82 25.55 9.78 6.39
N LYS A 83 24.89 10.88 6.71
CA LYS A 83 25.37 11.85 7.71
C LYS A 83 24.54 11.80 8.99
N THR A 84 23.20 11.88 8.90
CA THR A 84 22.34 12.23 10.06
C THR A 84 21.25 11.17 10.18
N CYS A 85 20.61 11.05 11.34
N CYS A 85 20.64 11.05 11.36
CA CYS A 85 19.64 9.93 11.56
CA CYS A 85 19.70 9.93 11.64
C CYS A 85 18.33 10.44 12.16
C CYS A 85 18.37 10.45 12.19
N GLU A 86 18.00 11.68 11.84
CA GLU A 86 16.74 12.32 12.29
C GLU A 86 15.80 12.50 11.09
N ALA A 87 14.53 12.12 11.24
CA ALA A 87 13.46 12.35 10.24
C ALA A 87 12.53 13.43 10.80
N PRO A 88 12.57 14.64 10.22
CA PRO A 88 11.88 15.77 10.82
C PRO A 88 10.36 15.72 10.61
N TYR A 89 9.69 16.52 11.43
CA TYR A 89 8.21 16.59 11.54
C TYR A 89 7.57 16.80 10.16
N GLU A 90 8.10 17.71 9.34
CA GLU A 90 7.47 18.01 8.01
C GLU A 90 7.40 16.78 7.10
N LEU A 91 8.49 16.02 6.99
CA LEU A 91 8.53 14.86 6.08
C LEU A 91 7.64 13.74 6.61
N VAL A 92 7.66 13.47 7.92
CA VAL A 92 6.81 12.37 8.43
C VAL A 92 5.34 12.77 8.26
N ARG A 93 5.00 14.04 8.47
CA ARG A 93 3.61 14.52 8.29
C ARG A 93 3.21 14.38 6.82
N LYS A 94 4.11 14.58 5.86
CA LYS A 94 3.75 14.46 4.42
C LYS A 94 3.43 13.02 4.06
N MET A 95 4.10 12.06 4.69
CA MET A 95 3.98 10.67 4.28
C MET A 95 4.39 9.78 5.44
N ARG A 96 3.47 9.06 6.05
CA ARG A 96 3.81 8.36 7.31
C ARG A 96 4.76 7.20 7.04
N ALA A 97 4.87 6.71 5.81
CA ALA A 97 5.81 5.61 5.46
C ALA A 97 7.25 6.09 5.66
N SER A 98 7.48 7.40 5.82
CA SER A 98 8.76 7.98 6.29
C SER A 98 9.27 7.23 7.51
N PHE A 99 8.35 6.73 8.34
CA PHE A 99 8.71 6.10 9.62
C PHE A 99 9.56 4.83 9.36
N LEU A 100 9.48 4.26 8.17
CA LEU A 100 10.23 3.01 7.82
C LEU A 100 11.73 3.25 7.71
N VAL A 101 12.22 4.50 7.79
CA VAL A 101 13.71 4.68 7.85
C VAL A 101 14.23 4.45 9.26
N MET A 102 13.34 4.32 10.27
CA MET A 102 13.82 4.18 11.66
C MET A 102 14.64 2.90 11.82
N GLY A 103 14.17 1.76 11.32
CA GLY A 103 14.91 0.49 11.47
C GLY A 103 16.30 0.55 10.84
N PRO A 104 16.43 0.97 9.57
CA PRO A 104 17.73 1.03 8.92
C PRO A 104 18.69 2.00 9.61
N LEU A 105 18.19 3.15 10.02
CA LEU A 105 19.06 4.18 10.63
C LEU A 105 19.52 3.69 12.02
N LEU A 106 18.64 3.05 12.77
CA LEU A 106 19.04 2.47 14.08
C LEU A 106 20.12 1.42 13.81
N ALA A 107 19.91 0.57 12.82
CA ALA A 107 20.85 -0.53 12.49
C ALA A 107 22.21 0.04 12.03
N ARG A 108 22.22 1.12 11.26
CA ARG A 108 23.47 1.69 10.69
C ARG A 108 24.24 2.48 11.77
N PHE A 109 23.56 3.29 12.57
CA PHE A 109 24.17 4.33 13.44
C PHE A 109 24.03 4.02 14.93
N ASN A 110 23.17 3.07 15.31
CA ASN A 110 22.90 2.70 16.71
C ASN A 110 22.16 3.82 17.42
N SER A 111 21.66 4.80 16.66
CA SER A 111 20.84 5.91 17.21
C SER A 111 19.95 6.43 16.08
N THR A 112 18.73 6.81 16.37
CA THR A 112 17.89 7.51 15.37
C THR A 112 16.80 8.26 16.12
N LYS A 113 16.34 9.33 15.52
CA LYS A 113 15.29 10.17 16.10
C LYS A 113 14.29 10.49 14.99
N ILE A 114 13.06 10.07 15.19
CA ILE A 114 12.05 10.07 14.10
C ILE A 114 10.78 10.75 14.64
N SER A 115 10.26 11.70 13.87
CA SER A 115 8.97 12.35 14.27
C SER A 115 7.87 11.27 14.35
N MET A 116 7.09 11.23 15.42
CA MET A 116 6.00 10.24 15.55
C MET A 116 4.84 10.62 14.64
N PRO A 117 4.35 9.67 13.80
CA PRO A 117 3.18 10.02 12.99
C PRO A 117 1.95 10.42 13.82
N GLY A 118 1.20 11.39 13.30
CA GLY A 118 -0.01 11.89 13.96
C GLY A 118 -1.28 11.33 13.31
N GLY A 119 -2.35 12.12 13.31
CA GLY A 119 -3.66 11.65 12.83
C GLY A 119 -3.54 11.21 11.40
N ASP A 120 -4.42 10.30 11.01
CA ASP A 120 -4.46 9.80 9.64
C ASP A 120 -5.92 9.67 9.25
N ALA A 121 -6.18 9.82 7.96
CA ALA A 121 -7.56 9.76 7.45
C ALA A 121 -8.21 8.40 7.78
N ILE A 122 -7.47 7.30 7.86
CA ILE A 122 -8.16 5.99 7.95
C ILE A 122 -8.07 5.40 9.35
N GLY A 123 -7.38 6.03 10.29
CA GLY A 123 -7.47 5.59 11.70
C GLY A 123 -6.37 6.17 12.56
N THR A 124 -6.31 5.79 13.84
CA THR A 124 -5.30 6.33 14.81
C THR A 124 -3.83 5.98 14.44
N ARG A 125 -3.62 4.72 14.18
CA ARG A 125 -2.43 4.07 13.57
C ARG A 125 -1.19 4.27 14.45
N PRO A 126 -1.17 3.66 15.64
CA PRO A 126 0.02 3.77 16.51
C PRO A 126 1.18 2.97 15.92
N ILE A 127 2.39 3.26 16.44
CA ILE A 127 3.60 2.55 15.98
C ILE A 127 4.27 1.82 17.17
N ASP A 128 3.48 1.49 18.19
CA ASP A 128 3.92 0.77 19.40
C ASP A 128 4.63 -0.54 19.05
N LEU A 129 4.19 -1.29 18.04
CA LEU A 129 4.79 -2.62 17.75
C LEU A 129 6.16 -2.43 17.13
N HIS A 130 6.37 -1.32 16.41
CA HIS A 130 7.73 -1.03 15.91
C HIS A 130 8.68 -0.87 17.10
N LEU A 131 8.25 -0.10 18.08
CA LEU A 131 9.10 0.23 19.25
C LEU A 131 9.29 -1.06 20.06
N LYS A 132 8.26 -1.89 20.10
CA LYS A 132 8.37 -3.15 20.87
C LYS A 132 9.52 -3.94 20.28
N GLY A 133 9.55 -4.02 18.95
CA GLY A 133 10.58 -4.77 18.29
C GLY A 133 11.96 -4.16 18.52
N PHE A 134 12.10 -2.84 18.40
CA PHE A 134 13.43 -2.22 18.60
C PHE A 134 13.89 -2.47 20.06
N LYS A 135 12.99 -2.39 21.01
CA LYS A 135 13.35 -2.64 22.43
C LYS A 135 13.82 -4.08 22.61
N ALA A 136 13.14 -5.03 21.99
CA ALA A 136 13.54 -6.46 22.05
C ALA A 136 14.97 -6.61 21.50
N LEU A 137 15.41 -5.77 20.55
CA LEU A 137 16.76 -5.86 19.96
C LEU A 137 17.76 -5.07 20.82
N GLY A 138 17.33 -4.50 21.93
CA GLY A 138 18.25 -3.85 22.89
C GLY A 138 18.22 -2.32 22.81
N ALA A 139 17.37 -1.72 21.99
CA ALA A 139 17.31 -0.24 21.91
C ALA A 139 16.58 0.28 23.11
N LYS A 140 17.05 1.40 23.65
CA LYS A 140 16.28 2.17 24.65
C LYS A 140 15.50 3.22 23.90
N ILE A 141 14.25 3.39 24.30
CA ILE A 141 13.28 4.24 23.57
C ILE A 141 12.94 5.42 24.45
N GLU A 142 13.01 6.61 23.90
CA GLU A 142 12.59 7.81 24.67
C GLU A 142 11.77 8.72 23.75
N MET A 143 10.83 9.46 24.31
CA MET A 143 10.08 10.48 23.52
C MET A 143 10.65 11.85 23.85
N ASP A 144 10.80 12.67 22.84
CA ASP A 144 11.24 14.08 23.05
C ASP A 144 10.37 14.97 22.17
N HIS A 145 9.36 15.64 22.74
CA HIS A 145 8.62 16.71 22.03
C HIS A 145 8.17 16.24 20.63
N GLY A 146 7.50 15.09 20.57
CA GLY A 146 6.90 14.60 19.32
C GLY A 146 7.82 13.64 18.55
N PHE A 147 9.07 13.51 18.99
CA PHE A 147 10.02 12.55 18.36
C PHE A 147 10.16 11.30 19.22
N VAL A 148 10.32 10.19 18.53
CA VAL A 148 10.74 8.94 19.21
C VAL A 148 12.22 8.73 18.90
N GLU A 149 13.01 8.50 19.95
CA GLU A 149 14.47 8.26 19.82
C GLU A 149 14.73 6.80 20.23
N ALA A 150 15.53 6.10 19.44
CA ALA A 150 15.94 4.72 19.76
C ALA A 150 17.47 4.67 19.67
N ALA A 151 18.09 4.11 20.71
CA ALA A 151 19.56 4.07 20.72
C ALA A 151 20.08 2.88 21.52
N THR A 152 21.20 2.36 21.07
CA THR A 152 21.86 1.22 21.73
C THR A 152 23.36 1.26 21.47
N GLU A 153 24.15 0.68 22.37
CA GLU A 153 25.56 0.33 22.07
C GLU A 153 25.61 -0.80 21.04
N LYS A 154 24.66 -1.72 20.99
CA LYS A 154 24.66 -2.64 19.82
C LYS A 154 23.35 -3.41 19.74
N LEU A 155 22.80 -3.48 18.55
CA LEU A 155 21.59 -4.30 18.37
C LEU A 155 21.99 -5.74 18.56
N VAL A 156 21.19 -6.47 19.31
CA VAL A 156 21.37 -7.91 19.54
C VAL A 156 20.08 -8.63 19.11
N GLY A 157 20.21 -9.62 18.25
CA GLY A 157 19.08 -10.47 17.82
C GLY A 157 18.35 -11.10 18.99
N ASN A 158 17.01 -11.11 18.94
CA ASN A 158 16.17 -11.66 20.02
C ASN A 158 14.86 -12.14 19.43
N LYS A 159 14.15 -12.98 20.17
CA LYS A 159 12.82 -13.43 19.72
C LYS A 159 11.79 -12.38 20.12
N LEU A 160 10.82 -12.14 19.27
CA LEU A 160 9.76 -11.20 19.67
C LEU A 160 8.47 -11.58 18.96
N TYR A 161 7.39 -11.31 19.63
CA TYR A 161 6.02 -11.61 19.16
C TYR A 161 5.25 -10.34 18.83
N LEU A 162 4.65 -10.31 17.64
CA LEU A 162 3.81 -9.18 17.19
C LEU A 162 2.36 -9.45 17.59
N ASP A 163 1.81 -8.58 18.43
CA ASP A 163 0.40 -8.68 18.91
C ASP A 163 -0.57 -8.61 17.72
N PHE A 164 -0.16 -7.98 16.64
CA PHE A 164 -0.90 -7.96 15.36
C PHE A 164 0.16 -8.06 14.28
N PRO A 165 -0.17 -8.73 13.17
CA PRO A 165 0.82 -8.97 12.12
C PRO A 165 0.98 -7.71 11.27
N SER A 166 1.49 -6.68 11.92
CA SER A 166 1.67 -5.34 11.32
C SER A 166 2.66 -5.43 10.17
N VAL A 167 2.23 -4.92 9.02
CA VAL A 167 3.13 -4.79 7.85
C VAL A 167 4.34 -3.91 8.22
N GLY A 168 4.09 -2.70 8.68
CA GLY A 168 5.16 -1.74 8.95
C GLY A 168 6.09 -2.24 10.04
N ALA A 169 5.56 -2.81 11.10
CA ALA A 169 6.44 -3.25 12.21
C ALA A 169 7.30 -4.40 11.73
N THR A 170 6.71 -5.32 10.97
CA THR A 170 7.48 -6.44 10.35
C THR A 170 8.63 -5.85 9.53
N GLU A 171 8.34 -4.86 8.68
CA GLU A 171 9.36 -4.31 7.77
C GLU A 171 10.46 -3.66 8.61
N ASN A 172 10.08 -2.77 9.51
CA ASN A 172 11.02 -1.96 10.32
C ASN A 172 11.93 -2.90 11.13
N ILE A 173 11.35 -3.96 11.67
CA ILE A 173 12.11 -4.82 12.63
C ILE A 173 13.00 -5.72 11.77
N MET A 174 12.52 -6.25 10.65
CA MET A 174 13.39 -7.05 9.76
C MET A 174 14.59 -6.21 9.34
N MET A 175 14.37 -4.92 9.01
CA MET A 175 15.52 -4.14 8.52
C MET A 175 16.49 -3.87 9.67
N ALA A 176 16.00 -3.56 10.85
CA ALA A 176 16.87 -3.31 12.02
C ALA A 176 17.64 -4.61 12.32
N ALA A 177 16.98 -5.75 12.17
CA ALA A 177 17.59 -7.04 12.58
C ALA A 177 18.72 -7.42 11.64
N SER A 178 18.72 -6.89 10.41
CA SER A 178 19.61 -7.36 9.33
C SER A 178 21.07 -7.07 9.68
N LEU A 179 21.33 -6.11 10.57
CA LEU A 179 22.71 -5.75 10.96
C LEU A 179 22.92 -5.99 12.45
N ALA A 180 22.01 -6.70 13.10
CA ALA A 180 22.15 -6.94 14.54
C ALA A 180 23.14 -8.11 14.73
N GLU A 181 23.62 -8.23 15.94
CA GLU A 181 24.49 -9.37 16.32
C GLU A 181 23.60 -10.57 16.66
N GLY A 182 23.69 -11.64 15.91
CA GLY A 182 22.93 -12.87 16.21
C GLY A 182 21.60 -12.93 15.48
N THR A 183 20.69 -13.74 16.00
CA THR A 183 19.49 -14.16 15.25
C THR A 183 18.25 -13.52 15.89
N THR A 184 17.44 -12.90 15.06
CA THR A 184 16.14 -12.35 15.45
C THR A 184 15.08 -13.29 14.89
N ILE A 185 14.05 -13.56 15.67
CA ILE A 185 12.85 -14.31 15.23
C ILE A 185 11.63 -13.42 15.43
N ILE A 186 10.98 -13.07 14.32
CA ILE A 186 9.68 -12.35 14.35
C ILE A 186 8.57 -13.38 14.25
N GLU A 187 7.85 -13.53 15.35
CA GLU A 187 6.66 -14.43 15.43
CA GLU A 187 6.66 -14.43 15.42
C GLU A 187 5.39 -13.64 15.16
N ASN A 188 4.50 -14.25 14.42
CA ASN A 188 3.23 -13.62 14.00
C ASN A 188 3.57 -12.45 13.06
N ALA A 189 4.50 -12.71 12.15
CA ALA A 189 4.93 -11.71 11.13
C ALA A 189 3.80 -11.43 10.12
N ALA A 190 3.76 -10.22 9.57
CA ALA A 190 2.92 -9.99 8.39
C ALA A 190 3.38 -10.89 7.25
N GLU A 191 2.40 -11.41 6.47
CA GLU A 191 2.65 -12.34 5.35
C GLU A 191 2.46 -11.63 4.00
N GLU A 192 2.16 -10.35 4.01
CA GLU A 192 1.95 -9.58 2.74
C GLU A 192 3.10 -9.78 1.75
N PRO A 193 2.74 -9.81 0.44
CA PRO A 193 3.73 -9.95 -0.63
C PRO A 193 4.87 -8.94 -0.57
N GLU A 194 4.61 -7.74 -0.06
CA GLU A 194 5.64 -6.70 0.02
C GLU A 194 6.71 -7.11 1.05
N ILE A 195 6.33 -7.86 2.09
CA ILE A 195 7.29 -8.42 3.08
C ILE A 195 8.28 -9.32 2.36
N VAL A 196 7.79 -10.16 1.48
CA VAL A 196 8.65 -11.11 0.70
C VAL A 196 9.57 -10.29 -0.21
N ASP A 197 9.04 -9.27 -0.89
CA ASP A 197 9.87 -8.47 -1.79
C ASP A 197 11.02 -7.81 -1.01
N LEU A 198 10.70 -7.24 0.14
CA LEU A 198 11.69 -6.55 0.97
C LEU A 198 12.73 -7.60 1.40
N ALA A 199 12.27 -8.78 1.82
CA ALA A 199 13.22 -9.78 2.33
C ALA A 199 14.14 -10.17 1.19
N ASN A 200 13.60 -10.28 0.00
CA ASN A 200 14.41 -10.71 -1.18
C ASN A 200 15.47 -9.64 -1.44
N PHE A 201 15.08 -8.38 -1.37
CA PHE A 201 16.05 -7.27 -1.50
C PHE A 201 17.13 -7.31 -0.42
N LEU A 202 16.75 -7.49 0.85
CA LEU A 202 17.77 -7.58 1.93
C LEU A 202 18.74 -8.74 1.60
N ASN A 203 18.24 -9.88 1.20
CA ASN A 203 19.11 -11.06 0.83
C ASN A 203 20.00 -10.71 -0.39
N GLU A 204 19.46 -9.99 -1.37
CA GLU A 204 20.29 -9.49 -2.50
C GLU A 204 21.43 -8.60 -1.99
N MET A 205 21.26 -7.81 -0.94
CA MET A 205 22.32 -6.95 -0.38
C MET A 205 23.30 -7.77 0.48
N GLY A 206 23.02 -9.04 0.76
CA GLY A 206 23.93 -9.88 1.58
C GLY A 206 23.34 -10.23 2.93
N ALA A 207 22.05 -9.98 3.15
CA ALA A 207 21.43 -10.32 4.44
C ALA A 207 21.15 -11.82 4.53
N ASP A 208 20.63 -12.25 5.68
CA ASP A 208 20.16 -13.63 5.86
C ASP A 208 18.77 -13.62 6.48
N VAL A 209 17.76 -13.50 5.62
CA VAL A 209 16.36 -13.42 6.06
C VAL A 209 15.62 -14.62 5.52
N LYS A 210 15.12 -15.46 6.42
CA LYS A 210 14.34 -16.64 6.01
C LYS A 210 12.94 -16.61 6.58
N GLY A 211 11.98 -17.14 5.84
CA GLY A 211 10.61 -17.31 6.28
C GLY A 211 9.68 -16.20 5.85
N ALA A 212 10.15 -15.20 5.11
CA ALA A 212 9.24 -14.11 4.69
C ALA A 212 8.11 -14.74 3.86
N GLY A 213 6.89 -14.34 4.21
CA GLY A 213 5.65 -14.83 3.59
C GLY A 213 5.02 -15.90 4.45
N THR A 214 5.72 -16.31 5.49
CA THR A 214 5.17 -17.26 6.49
C THR A 214 4.95 -16.54 7.81
N ASN A 215 4.45 -17.25 8.81
CA ASN A 215 4.07 -16.59 10.08
C ASN A 215 5.35 -16.31 10.91
N THR A 216 6.52 -16.82 10.53
CA THR A 216 7.76 -16.67 11.33
C THR A 216 8.93 -16.23 10.44
N ILE A 217 9.56 -15.10 10.77
CA ILE A 217 10.75 -14.66 10.00
C ILE A 217 11.98 -14.76 10.89
N LYS A 218 13.01 -15.43 10.39
CA LYS A 218 14.29 -15.54 11.11
C LYS A 218 15.34 -14.69 10.40
N ILE A 219 15.94 -13.76 11.10
CA ILE A 219 17.01 -12.90 10.51
C ILE A 219 18.30 -13.22 11.26
N LYS A 220 19.29 -13.72 10.53
CA LYS A 220 20.64 -13.82 11.10
C LYS A 220 21.44 -12.59 10.67
N GLY A 221 21.78 -11.74 11.62
CA GLY A 221 22.46 -10.46 11.37
C GLY A 221 23.82 -10.61 10.74
N VAL A 222 24.16 -9.69 9.84
CA VAL A 222 25.48 -9.65 9.17
C VAL A 222 26.17 -8.34 9.56
N LYS A 223 27.48 -8.23 9.36
CA LYS A 223 28.20 -7.02 9.79
C LYS A 223 28.01 -5.89 8.78
N GLU A 224 27.82 -6.22 7.51
CA GLU A 224 27.82 -5.18 6.45
C GLU A 224 26.92 -5.61 5.30
N LEU A 225 26.18 -4.67 4.73
CA LEU A 225 25.40 -4.96 3.53
C LEU A 225 25.94 -4.10 2.39
N LYS A 226 25.74 -4.55 1.16
CA LYS A 226 26.27 -3.90 -0.05
C LYS A 226 25.11 -3.57 -0.98
N GLY A 227 25.24 -2.47 -1.69
CA GLY A 227 24.24 -2.09 -2.70
C GLY A 227 23.92 -3.20 -3.67
N ALA A 228 22.68 -3.28 -4.08
CA ALA A 228 22.24 -4.33 -5.01
C ALA A 228 21.19 -3.79 -5.95
N GLU A 229 20.99 -4.55 -6.99
CA GLU A 229 20.00 -4.22 -8.04
C GLU A 229 18.76 -5.06 -7.79
N HIS A 230 17.58 -4.42 -7.85
CA HIS A 230 16.32 -5.11 -7.50
C HIS A 230 15.19 -4.71 -8.43
N ASN A 231 14.38 -5.67 -8.81
CA ASN A 231 13.17 -5.45 -9.60
C ASN A 231 11.96 -5.50 -8.66
N VAL A 232 11.30 -4.39 -8.45
CA VAL A 232 10.14 -4.36 -7.54
C VAL A 232 8.96 -5.18 -8.08
N ILE A 233 8.21 -5.86 -7.20
CA ILE A 233 6.99 -6.57 -7.62
C ILE A 233 5.93 -5.62 -8.15
N PRO A 234 5.00 -6.12 -8.98
CA PRO A 234 3.86 -5.35 -9.43
C PRO A 234 2.96 -4.89 -8.29
N ASP A 235 2.21 -3.81 -8.54
CA ASP A 235 1.23 -3.25 -7.58
C ASP A 235 -0.05 -4.07 -7.59
N ARG A 236 -0.23 -4.95 -6.61
CA ARG A 236 -1.41 -5.82 -6.53
C ARG A 236 -2.67 -4.98 -6.24
N ILE A 237 -2.53 -3.82 -5.61
CA ILE A 237 -3.73 -3.02 -5.30
C ILE A 237 -4.17 -2.27 -6.55
N GLU A 238 -3.22 -1.76 -7.33
CA GLU A 238 -3.61 -1.12 -8.61
C GLU A 238 -4.28 -2.18 -9.48
N ALA A 239 -3.67 -3.36 -9.59
CA ALA A 239 -4.25 -4.47 -10.38
C ALA A 239 -5.67 -4.72 -9.92
N ALA A 240 -5.90 -4.87 -8.62
CA ALA A 240 -7.26 -5.11 -8.08
C ALA A 240 -8.22 -3.97 -8.46
N THR A 241 -7.77 -2.72 -8.46
CA THR A 241 -8.61 -1.56 -8.81
C THR A 241 -9.15 -1.77 -10.24
N TYR A 242 -8.28 -2.11 -11.18
CA TYR A 242 -8.73 -2.26 -12.59
C TYR A 242 -9.60 -3.51 -12.69
N MET A 243 -9.33 -4.54 -11.90
CA MET A 243 -10.18 -5.76 -11.92
C MET A 243 -11.60 -5.38 -11.47
N VAL A 244 -11.73 -4.63 -10.38
CA VAL A 244 -13.05 -4.14 -9.91
C VAL A 244 -13.70 -3.27 -11.01
N ALA A 245 -12.91 -2.41 -11.67
CA ALA A 245 -13.45 -1.56 -12.73
C ALA A 245 -14.12 -2.45 -13.80
N ALA A 246 -13.52 -3.58 -14.16
CA ALA A 246 -14.11 -4.49 -15.18
C ALA A 246 -15.42 -5.08 -14.65
N ALA A 247 -15.41 -5.47 -13.38
CA ALA A 247 -16.60 -6.03 -12.71
C ALA A 247 -17.73 -5.01 -12.72
N MET A 248 -17.49 -3.76 -12.36
CA MET A 248 -18.56 -2.78 -12.20
C MET A 248 -19.09 -2.29 -13.55
N THR A 249 -18.24 -2.23 -14.57
CA THR A 249 -18.66 -1.65 -15.87
C THR A 249 -19.12 -2.73 -16.82
N LYS A 250 -19.25 -3.97 -16.39
CA LYS A 250 -19.63 -5.11 -17.29
C LYS A 250 -18.60 -5.20 -18.42
N GLY A 251 -17.34 -4.97 -18.08
CA GLY A 251 -16.24 -4.83 -19.03
C GLY A 251 -15.51 -6.12 -19.22
N ASP A 252 -14.36 -6.00 -19.85
CA ASP A 252 -13.51 -7.13 -20.29
C ASP A 252 -12.09 -6.59 -20.37
N ILE A 253 -11.31 -6.80 -19.34
CA ILE A 253 -10.02 -6.08 -19.14
C ILE A 253 -8.97 -7.14 -18.89
N THR A 254 -7.85 -7.04 -19.60
CA THR A 254 -6.68 -7.86 -19.32
C THR A 254 -5.71 -6.97 -18.57
N VAL A 255 -5.44 -7.38 -17.35
CA VAL A 255 -4.48 -6.68 -16.48
C VAL A 255 -3.10 -7.34 -16.65
N GLU A 256 -2.14 -6.55 -17.09
CA GLU A 256 -0.80 -7.01 -17.54
C GLU A 256 0.28 -6.69 -16.53
N ASN A 257 1.24 -7.60 -16.46
CA ASN A 257 2.46 -7.48 -15.62
C ASN A 257 2.01 -7.58 -14.15
N VAL A 258 1.35 -8.69 -13.83
CA VAL A 258 0.84 -8.99 -12.45
C VAL A 258 1.24 -10.39 -12.02
N LEU A 259 1.13 -10.64 -10.72
CA LEU A 259 1.36 -11.96 -10.09
C LEU A 259 0.07 -12.44 -9.46
N MET A 260 -0.55 -13.47 -10.05
CA MET A 260 -1.86 -13.99 -9.60
C MET A 260 -1.77 -14.45 -8.15
N GLU A 261 -0.58 -14.89 -7.72
CA GLU A 261 -0.43 -15.44 -6.36
C GLU A 261 -0.76 -14.33 -5.35
N HIS A 262 -0.61 -13.08 -5.76
CA HIS A 262 -0.74 -11.92 -4.83
C HIS A 262 -2.18 -11.41 -4.83
N LEU A 263 -3.05 -11.92 -5.69
CA LEU A 263 -4.42 -11.38 -5.92
C LEU A 263 -5.49 -12.40 -5.51
N LYS A 264 -5.15 -13.49 -4.78
CA LYS A 264 -6.10 -14.62 -4.65
C LYS A 264 -7.44 -14.23 -4.05
N PRO A 265 -7.51 -13.45 -2.94
CA PRO A 265 -8.80 -13.10 -2.40
C PRO A 265 -9.67 -12.20 -3.28
N VAL A 266 -9.00 -11.30 -4.01
CA VAL A 266 -9.73 -10.43 -4.94
C VAL A 266 -10.29 -11.26 -6.09
N VAL A 267 -9.49 -12.15 -6.68
CA VAL A 267 -10.01 -13.08 -7.73
C VAL A 267 -11.19 -13.89 -7.15
N ALA A 268 -11.05 -14.47 -5.97
CA ALA A 268 -12.10 -15.35 -5.40
C ALA A 268 -13.37 -14.53 -5.26
N LYS A 269 -13.28 -13.35 -4.63
CA LYS A 269 -14.49 -12.60 -4.35
C LYS A 269 -15.13 -12.05 -5.63
N LEU A 270 -14.33 -11.60 -6.60
CA LEU A 270 -14.89 -11.18 -7.91
C LEU A 270 -15.61 -12.36 -8.58
N ARG A 271 -15.05 -13.57 -8.49
CA ARG A 271 -15.72 -14.77 -9.05
C ARG A 271 -17.03 -14.99 -8.32
N GLU A 272 -17.04 -14.86 -6.99
CA GLU A 272 -18.29 -15.03 -6.22
C GLU A 272 -19.36 -14.01 -6.63
N ALA A 273 -18.97 -12.77 -7.02
CA ALA A 273 -19.86 -11.69 -7.49
C ALA A 273 -20.36 -11.91 -8.92
N GLY A 274 -19.73 -12.81 -9.64
CA GLY A 274 -20.20 -13.28 -10.97
C GLY A 274 -19.20 -13.01 -12.08
N CYS A 275 -18.00 -12.55 -11.78
CA CYS A 275 -16.98 -12.29 -12.83
C CYS A 275 -16.48 -13.62 -13.39
N GLU A 276 -16.15 -13.61 -14.68
CA GLU A 276 -15.37 -14.70 -15.28
C GLU A 276 -13.93 -14.25 -15.41
N ILE A 277 -13.04 -14.95 -14.73
CA ILE A 277 -11.62 -14.59 -14.58
C ILE A 277 -10.75 -15.72 -15.13
N THR A 278 -9.81 -15.33 -15.97
CA THR A 278 -8.80 -16.19 -16.60
C THR A 278 -7.43 -15.78 -16.07
N GLU A 279 -6.82 -16.65 -15.30
CA GLU A 279 -5.51 -16.38 -14.68
C GLU A 279 -4.43 -16.92 -15.59
N MET A 280 -3.47 -16.08 -15.96
CA MET A 280 -2.33 -16.47 -16.79
C MET A 280 -1.05 -16.15 -16.00
N ASP A 281 0.11 -16.46 -16.57
CA ASP A 281 1.39 -16.43 -15.82
C ASP A 281 1.80 -14.98 -15.49
N ASN A 282 1.46 -14.00 -16.33
CA ASN A 282 1.91 -12.59 -16.16
C ASN A 282 0.72 -11.63 -16.27
N SER A 283 -0.49 -12.15 -16.36
CA SER A 283 -1.67 -11.34 -16.69
C SER A 283 -2.95 -12.03 -16.20
N VAL A 284 -4.02 -11.26 -15.99
CA VAL A 284 -5.35 -11.83 -15.65
C VAL A 284 -6.41 -11.11 -16.48
N ARG A 285 -7.37 -11.85 -17.00
CA ARG A 285 -8.51 -11.29 -17.74
C ARG A 285 -9.75 -11.32 -16.83
N VAL A 286 -10.44 -10.19 -16.73
CA VAL A 286 -11.67 -10.11 -15.93
C VAL A 286 -12.83 -9.69 -16.83
N VAL A 287 -13.81 -10.54 -16.87
CA VAL A 287 -15.09 -10.22 -17.57
C VAL A 287 -16.16 -10.01 -16.53
N GLY A 288 -16.67 -8.79 -16.47
CA GLY A 288 -17.75 -8.41 -15.56
C GLY A 288 -19.02 -9.18 -15.86
N PRO A 289 -19.82 -9.48 -14.83
CA PRO A 289 -21.12 -10.12 -15.02
C PRO A 289 -22.19 -9.12 -15.46
N LYS A 290 -23.28 -9.64 -16.02
CA LYS A 290 -24.40 -8.74 -16.40
C LYS A 290 -25.18 -8.34 -15.15
N VAL A 291 -25.25 -9.21 -14.15
CA VAL A 291 -25.86 -8.86 -12.85
C VAL A 291 -24.81 -9.15 -11.79
N LEU A 292 -24.51 -8.18 -10.95
CA LEU A 292 -23.55 -8.40 -9.86
C LEU A 292 -24.29 -9.11 -8.75
N LYS A 293 -23.73 -10.20 -8.28
CA LYS A 293 -24.29 -10.95 -7.14
C LYS A 293 -23.72 -10.33 -5.87
N PRO A 294 -24.58 -10.10 -4.88
CA PRO A 294 -24.11 -9.48 -3.64
C PRO A 294 -23.22 -10.48 -2.92
N ILE A 295 -22.17 -9.96 -2.30
CA ILE A 295 -21.17 -10.79 -1.58
C ILE A 295 -20.87 -10.04 -0.29
N ASP A 296 -20.36 -10.74 0.69
CA ASP A 296 -19.83 -10.08 1.91
C ASP A 296 -18.30 -10.06 1.85
N ILE A 297 -17.70 -9.02 2.45
CA ILE A 297 -16.23 -9.00 2.52
C ILE A 297 -15.84 -8.66 3.95
N LYS A 298 -14.79 -9.29 4.33
CA LYS A 298 -14.18 -9.04 5.65
C LYS A 298 -12.69 -8.82 5.47
N THR A 299 -12.25 -7.64 5.79
CA THR A 299 -10.82 -7.38 5.60
C THR A 299 -10.03 -8.09 6.69
N LEU A 300 -8.86 -8.55 6.29
CA LEU A 300 -7.96 -9.30 7.19
C LEU A 300 -6.54 -9.16 6.73
N PRO A 301 -5.58 -9.49 7.61
CA PRO A 301 -4.20 -9.65 7.20
C PRO A 301 -4.07 -10.64 6.05
N HIS A 302 -3.15 -10.37 5.12
CA HIS A 302 -2.84 -11.27 3.99
C HIS A 302 -2.63 -12.68 4.54
N PRO A 303 -3.19 -13.74 3.89
CA PRO A 303 -3.86 -13.64 2.58
C PRO A 303 -5.38 -13.53 2.57
N GLY A 304 -5.90 -12.97 3.64
CA GLY A 304 -7.27 -12.52 3.71
C GLY A 304 -7.50 -11.32 2.83
N PHE A 305 -8.74 -10.91 2.76
CA PHE A 305 -9.17 -9.82 1.82
C PHE A 305 -8.52 -8.50 2.22
N PRO A 306 -7.84 -7.80 1.29
CA PRO A 306 -7.04 -6.63 1.66
C PRO A 306 -7.90 -5.39 1.93
N THR A 307 -7.60 -4.71 3.03
CA THR A 307 -8.27 -3.47 3.43
C THR A 307 -8.07 -2.42 2.32
N ASP A 308 -6.99 -2.54 1.56
CA ASP A 308 -6.72 -1.53 0.50
C ASP A 308 -7.66 -1.71 -0.70
N VAL A 309 -8.47 -2.78 -0.76
CA VAL A 309 -9.52 -2.90 -1.84
C VAL A 309 -10.92 -2.85 -1.23
N GLN A 310 -11.04 -2.54 0.05
CA GLN A 310 -12.37 -2.51 0.71
C GLN A 310 -13.27 -1.42 0.12
N ALA A 311 -12.81 -0.18 -0.07
CA ALA A 311 -13.68 0.91 -0.55
C ALA A 311 -14.13 0.59 -1.99
N GLN A 312 -13.22 0.05 -2.77
CA GLN A 312 -13.47 -0.28 -4.19
CA GLN A 312 -13.53 -0.22 -4.20
C GLN A 312 -14.52 -1.39 -4.27
N PHE A 313 -14.38 -2.42 -3.44
CA PHE A 313 -15.43 -3.47 -3.41
C PHE A 313 -16.76 -2.94 -2.90
N MET A 314 -16.72 -2.11 -1.87
CA MET A 314 -17.97 -1.46 -1.40
C MET A 314 -18.61 -0.71 -2.57
N ALA A 315 -17.83 0.04 -3.36
CA ALA A 315 -18.44 0.77 -4.47
C ALA A 315 -19.12 -0.23 -5.41
N MET A 316 -18.47 -1.34 -5.72
CA MET A 316 -19.07 -2.40 -6.59
C MET A 316 -20.43 -2.84 -6.02
N LEU A 317 -20.46 -3.01 -4.71
CA LEU A 317 -21.65 -3.57 -4.03
C LEU A 317 -22.80 -2.58 -4.02
N THR A 318 -22.57 -1.28 -4.25
CA THR A 318 -23.65 -0.28 -4.18
C THR A 318 -24.70 -0.57 -5.25
N VAL A 319 -24.33 -1.33 -6.29
CA VAL A 319 -25.32 -1.64 -7.37
C VAL A 319 -25.48 -3.15 -7.56
N ALA A 320 -25.08 -3.93 -6.59
CA ALA A 320 -25.29 -5.38 -6.61
C ALA A 320 -26.76 -5.70 -6.35
N ASN A 321 -27.10 -6.92 -6.72
CA ASN A 321 -28.50 -7.41 -6.74
C ASN A 321 -28.88 -7.93 -5.35
N GLY A 322 -28.79 -7.06 -4.35
CA GLY A 322 -29.21 -7.41 -2.97
C GLY A 322 -28.28 -6.78 -1.95
N THR A 323 -28.20 -7.43 -0.80
CA THR A 323 -27.57 -6.84 0.39
C THR A 323 -26.22 -7.49 0.61
N GLY A 324 -25.21 -6.64 0.78
CA GLY A 324 -23.83 -7.09 1.06
C GLY A 324 -23.34 -6.45 2.35
N VAL A 325 -22.53 -7.18 3.10
CA VAL A 325 -22.01 -6.65 4.39
C VAL A 325 -20.50 -6.53 4.25
N VAL A 326 -20.00 -5.34 4.56
CA VAL A 326 -18.54 -5.07 4.55
C VAL A 326 -18.07 -4.87 5.99
N ILE A 327 -17.16 -5.71 6.41
CA ILE A 327 -16.52 -5.59 7.78
C ILE A 327 -15.04 -5.26 7.65
N GLU A 328 -14.65 -4.20 8.33
CA GLU A 328 -13.26 -3.73 8.34
C GLU A 328 -12.67 -4.11 9.69
N THR A 329 -11.81 -5.13 9.71
CA THR A 329 -11.11 -5.58 10.95
C THR A 329 -9.70 -4.97 11.04
N VAL A 330 -9.20 -4.33 9.99
CA VAL A 330 -7.76 -3.97 9.96
C VAL A 330 -7.62 -2.50 10.38
N PHE A 331 -8.44 -1.59 9.87
CA PHE A 331 -8.34 -0.17 10.21
C PHE A 331 -9.51 0.29 11.06
N GLU A 332 -9.32 1.37 11.85
CA GLU A 332 -10.42 1.77 12.77
C GLU A 332 -11.49 2.41 11.89
N ASN A 333 -11.08 3.53 11.30
CA ASN A 333 -11.99 4.53 10.75
C ASN A 333 -12.03 4.42 9.23
N ARG A 334 -12.07 3.21 8.63
CA ARG A 334 -11.87 3.28 7.14
C ARG A 334 -13.23 3.26 6.44
N PHE A 335 -14.15 4.11 6.88
CA PHE A 335 -15.48 4.23 6.24
C PHE A 335 -15.78 5.69 5.89
N MET A 336 -14.77 6.57 5.80
CA MET A 336 -15.05 8.01 5.57
C MET A 336 -15.72 8.18 4.21
N HIS A 337 -15.42 7.30 3.28
CA HIS A 337 -15.99 7.37 1.90
C HIS A 337 -17.50 7.12 1.91
N VAL A 338 -18.05 6.47 2.93
CA VAL A 338 -19.49 6.08 2.86
C VAL A 338 -20.36 7.32 2.58
N ALA A 339 -20.11 8.45 3.19
CA ALA A 339 -20.96 9.61 3.02
C ALA A 339 -20.85 10.11 1.57
N GLU A 340 -19.68 9.95 0.93
CA GLU A 340 -19.51 10.39 -0.47
C GLU A 340 -20.30 9.43 -1.36
N PHE A 341 -20.19 8.11 -1.14
CA PHE A 341 -20.98 7.13 -1.92
C PHE A 341 -22.48 7.45 -1.75
N ASN A 342 -22.90 7.83 -0.55
CA ASN A 342 -24.34 8.10 -0.33
C ASN A 342 -24.74 9.37 -1.11
N ARG A 343 -23.85 10.32 -1.31
CA ARG A 343 -24.17 11.51 -2.13
C ARG A 343 -24.48 11.07 -3.57
N MET A 344 -23.93 9.96 -4.02
CA MET A 344 -24.14 9.43 -5.39
C MET A 344 -25.35 8.48 -5.45
N GLY A 345 -26.14 8.40 -4.36
CA GLY A 345 -27.39 7.61 -4.32
C GLY A 345 -27.23 6.20 -3.82
N ALA A 346 -26.09 5.85 -3.18
CA ALA A 346 -25.93 4.54 -2.57
C ALA A 346 -26.84 4.46 -1.34
N ASN A 347 -27.02 3.24 -0.88
CA ASN A 347 -27.81 2.94 0.36
C ASN A 347 -26.90 2.17 1.29
N ILE A 348 -26.15 2.90 2.08
CA ILE A 348 -25.16 2.27 2.98
C ILE A 348 -25.39 2.78 4.40
N LYS A 349 -25.50 1.82 5.31
CA LYS A 349 -25.69 2.07 6.76
C LYS A 349 -24.53 1.43 7.53
N ILE A 350 -23.88 2.19 8.40
CA ILE A 350 -22.73 1.65 9.15
C ILE A 350 -23.06 1.66 10.63
N ASP A 351 -22.51 0.67 11.30
CA ASP A 351 -22.50 0.69 12.79
C ASP A 351 -21.24 -0.03 13.19
N GLY A 352 -20.38 0.65 13.95
CA GLY A 352 -19.20 -0.07 14.40
C GLY A 352 -18.30 -0.36 13.20
N ARG A 353 -17.85 -1.57 13.03
CA ARG A 353 -16.89 -1.81 11.92
C ARG A 353 -17.62 -2.45 10.75
N SER A 354 -18.93 -2.40 10.74
CA SER A 354 -19.68 -3.06 9.66
C SER A 354 -20.53 -2.07 8.90
N ALA A 355 -20.57 -2.26 7.58
CA ALA A 355 -21.38 -1.44 6.69
C ALA A 355 -22.32 -2.38 5.94
N VAL A 356 -23.60 -2.05 5.96
CA VAL A 356 -24.63 -2.80 5.23
C VAL A 356 -24.94 -2.05 3.93
N VAL A 357 -24.62 -2.70 2.82
CA VAL A 357 -24.83 -2.09 1.49
C VAL A 357 -26.07 -2.75 0.87
N ASN A 358 -27.08 -1.95 0.65
CA ASN A 358 -28.35 -2.38 0.03
C ASN A 358 -28.30 -1.88 -1.42
N GLY A 359 -28.09 -2.79 -2.35
CA GLY A 359 -27.86 -2.44 -3.78
C GLY A 359 -28.99 -1.59 -4.32
N VAL A 360 -28.63 -0.59 -5.11
CA VAL A 360 -29.60 0.30 -5.81
C VAL A 360 -29.51 0.05 -7.31
N ASP A 361 -30.53 0.54 -8.03
CA ASP A 361 -30.63 0.36 -9.49
C ASP A 361 -29.42 1.02 -10.17
N GLU A 362 -29.16 2.26 -9.83
CA GLU A 362 -27.96 2.92 -10.41
C GLU A 362 -27.49 4.05 -9.52
N LEU A 363 -26.21 4.38 -9.60
CA LEU A 363 -25.73 5.62 -8.96
C LEU A 363 -26.01 6.80 -9.87
N HIS A 364 -26.00 7.98 -9.29
CA HIS A 364 -26.16 9.28 -9.98
C HIS A 364 -24.92 10.13 -9.74
N GLY A 365 -24.40 10.72 -10.81
CA GLY A 365 -23.21 11.56 -10.69
C GLY A 365 -23.42 12.70 -9.71
N ALA A 366 -22.39 13.04 -8.96
CA ALA A 366 -22.48 14.17 -8.03
C ALA A 366 -21.08 14.70 -7.77
N ALA A 367 -20.99 15.88 -7.18
CA ALA A 367 -19.71 16.40 -6.65
C ALA A 367 -19.34 15.65 -5.37
N VAL A 368 -18.13 15.07 -5.34
CA VAL A 368 -17.65 14.23 -4.21
C VAL A 368 -16.19 14.59 -3.94
N ASN A 369 -15.70 14.16 -2.80
CA ASN A 369 -14.29 14.41 -2.43
C ASN A 369 -13.60 13.10 -2.09
N ALA A 370 -12.42 12.89 -2.65
CA ALA A 370 -11.54 11.81 -2.20
C ALA A 370 -11.17 12.06 -0.74
N THR A 371 -11.28 11.02 0.08
CA THR A 371 -10.91 11.09 1.53
C THR A 371 -9.56 10.45 1.81
N ASP A 372 -9.10 9.63 0.89
CA ASP A 372 -7.84 8.88 1.01
C ASP A 372 -7.56 8.21 -0.34
N LEU A 373 -6.40 7.62 -0.49
CA LEU A 373 -5.94 7.03 -1.76
C LEU A 373 -6.94 6.04 -2.35
N ARG A 374 -7.33 5.04 -1.57
CA ARG A 374 -8.09 3.94 -2.18
C ARG A 374 -9.55 4.34 -2.33
N ALA A 375 -10.12 5.08 -1.40
CA ALA A 375 -11.49 5.61 -1.56
C ALA A 375 -11.57 6.54 -2.78
N GLY A 376 -10.53 7.33 -2.99
CA GLY A 376 -10.59 8.22 -4.17
C GLY A 376 -10.68 7.41 -5.45
N ALA A 377 -9.90 6.35 -5.56
CA ALA A 377 -10.03 5.45 -6.72
C ALA A 377 -11.43 4.83 -6.76
N ALA A 378 -12.00 4.42 -5.62
CA ALA A 378 -13.39 3.90 -5.59
C ALA A 378 -14.37 4.95 -6.16
N LEU A 379 -14.17 6.24 -5.89
CA LEU A 379 -15.06 7.29 -6.41
C LEU A 379 -14.93 7.36 -7.93
N ILE A 380 -13.74 7.11 -8.47
CA ILE A 380 -13.59 7.09 -9.96
C ILE A 380 -14.43 5.93 -10.48
N LEU A 381 -14.34 4.77 -9.84
CA LEU A 381 -15.13 3.61 -10.29
C LEU A 381 -16.64 3.92 -10.22
N CYS A 382 -17.09 4.53 -9.14
CA CYS A 382 -18.51 5.02 -9.07
C CYS A 382 -18.83 5.91 -10.27
N GLY A 383 -17.92 6.84 -10.56
CA GLY A 383 -18.14 7.81 -11.63
C GLY A 383 -18.31 7.12 -12.96
N LEU A 384 -17.64 6.00 -13.20
CA LEU A 384 -17.78 5.34 -14.53
C LEU A 384 -19.18 4.74 -14.71
N ILE A 385 -19.90 4.47 -13.64
CA ILE A 385 -21.21 3.77 -13.75
C ILE A 385 -22.35 4.70 -13.36
N ALA A 386 -22.06 5.86 -12.81
CA ALA A 386 -23.08 6.80 -12.31
C ALA A 386 -23.68 7.58 -13.48
N GLU A 387 -24.99 7.69 -13.50
CA GLU A 387 -25.70 8.48 -14.53
C GLU A 387 -25.18 9.91 -14.53
N GLY A 388 -24.81 10.40 -15.72
CA GLY A 388 -24.39 11.79 -15.90
C GLY A 388 -22.90 11.94 -15.70
N GLU A 389 -22.54 12.85 -14.81
CA GLU A 389 -21.15 13.26 -14.60
C GLU A 389 -20.85 13.33 -13.11
N THR A 390 -19.65 12.88 -12.75
CA THR A 390 -19.14 12.95 -11.37
C THR A 390 -17.91 13.87 -11.32
N GLN A 391 -17.83 14.75 -10.33
CA GLN A 391 -16.68 15.64 -10.15
C GLN A 391 -16.04 15.32 -8.82
N ILE A 392 -14.80 14.90 -8.86
CA ILE A 392 -14.10 14.42 -7.65
C ILE A 392 -13.06 15.46 -7.27
N GLY A 393 -13.11 15.92 -6.03
CA GLY A 393 -12.15 16.85 -5.44
C GLY A 393 -11.11 16.19 -4.59
N GLU A 394 -10.15 16.98 -4.09
CA GLU A 394 -9.07 16.55 -3.18
C GLU A 394 -8.30 15.42 -3.87
N ILE A 395 -7.94 15.62 -5.13
CA ILE A 395 -7.46 14.51 -5.99
C ILE A 395 -6.02 14.15 -5.68
N TYR A 396 -5.31 14.95 -4.89
CA TYR A 396 -3.93 14.61 -4.51
C TYR A 396 -3.92 13.22 -3.83
N HIS A 397 -4.97 12.88 -3.11
CA HIS A 397 -5.08 11.53 -2.47
C HIS A 397 -4.88 10.43 -3.51
N ILE A 398 -5.50 10.57 -4.67
CA ILE A 398 -5.45 9.56 -5.74
C ILE A 398 -4.09 9.64 -6.42
N GLN A 399 -3.70 10.85 -6.76
CA GLN A 399 -2.53 11.04 -7.68
C GLN A 399 -1.26 10.59 -6.99
N ARG A 400 -1.22 10.61 -5.67
CA ARG A 400 0.01 10.22 -4.95
C ARG A 400 0.26 8.71 -5.01
N GLY A 401 -0.73 7.85 -5.32
CA GLY A 401 -0.56 6.41 -5.31
C GLY A 401 -1.05 5.66 -6.54
N TYR A 402 -1.61 6.33 -7.55
CA TYR A 402 -1.92 5.70 -8.86
C TYR A 402 -1.15 6.42 -9.97
N VAL A 403 -0.46 5.65 -10.80
CA VAL A 403 0.19 6.21 -12.01
C VAL A 403 -0.87 6.41 -13.09
N ASP A 404 -1.06 7.67 -13.49
CA ASP A 404 -1.82 8.08 -14.70
C ASP A 404 -3.16 7.34 -14.77
N ILE A 405 -3.96 7.41 -13.73
CA ILE A 405 -5.26 6.71 -13.77
C ILE A 405 -6.14 7.28 -14.90
N ASP A 406 -6.02 8.57 -15.21
CA ASP A 406 -6.80 9.16 -16.32
C ASP A 406 -6.36 8.51 -17.63
N LYS A 407 -5.03 8.37 -17.87
CA LYS A 407 -4.57 7.82 -19.18
C LYS A 407 -4.94 6.33 -19.29
N LYS A 408 -4.80 5.56 -18.22
CA LYS A 408 -5.09 4.11 -18.23
C LYS A 408 -6.57 3.86 -18.45
N ILE A 409 -7.44 4.58 -17.75
CA ILE A 409 -8.89 4.37 -17.93
C ILE A 409 -9.29 4.87 -19.33
N THR A 410 -8.73 5.99 -19.78
CA THR A 410 -9.05 6.50 -21.14
C THR A 410 -8.71 5.44 -22.18
N ALA A 411 -7.57 4.76 -22.05
CA ALA A 411 -7.16 3.73 -23.01
C ALA A 411 -8.06 2.52 -22.95
N LEU A 412 -8.77 2.32 -21.83
CA LEU A 412 -9.76 1.21 -21.74
C LEU A 412 -11.15 1.67 -22.22
N GLY A 413 -11.28 2.90 -22.71
CA GLY A 413 -12.55 3.38 -23.25
C GLY A 413 -13.34 4.26 -22.29
N GLY A 414 -12.84 4.56 -21.09
CA GLY A 414 -13.64 5.37 -20.17
C GLY A 414 -13.53 6.85 -20.42
N GLN A 415 -14.48 7.59 -19.88
CA GLN A 415 -14.53 9.06 -19.99
C GLN A 415 -14.06 9.67 -18.67
N ILE A 416 -12.84 10.14 -18.65
CA ILE A 416 -12.17 10.71 -17.45
C ILE A 416 -11.19 11.80 -17.87
N GLU A 417 -11.13 12.88 -17.12
CA GLU A 417 -10.08 13.87 -17.37
C GLU A 417 -9.75 14.56 -16.04
N ILE A 418 -8.51 14.97 -15.90
CA ILE A 418 -8.02 15.76 -14.76
C ILE A 418 -8.06 17.23 -15.21
N VAL A 419 -8.78 18.10 -14.52
CA VAL A 419 -8.81 19.55 -14.87
C VAL A 419 -8.09 20.32 -13.76
N GLU A 420 -7.13 21.17 -14.13
CA GLU A 420 -6.16 21.77 -13.18
C GLU A 420 -6.45 23.26 -12.98
C1 EDO B . 4.65 2.93 8.94
O1 EDO B . 4.54 1.53 8.96
C2 EDO B . 3.40 3.46 8.27
O2 EDO B . 2.27 3.22 9.11
C1 EPZ C . 0.62 -0.77 5.22
O1 EPZ C . 0.37 0.11 6.31
C2 EPZ C . 0.35 0.00 3.93
N2 EPZ C . 1.33 1.06 3.75
C3 EPZ C . -1.10 0.48 3.93
O3 EPZ C . -1.40 1.26 2.75
C4 EPZ C . -2.02 -0.74 4.05
O4 EPZ C . -3.38 -0.32 4.10
C5 EPZ C . -1.64 -1.47 5.34
O5 EPZ C . -0.26 -1.89 5.30
C6 EPZ C . -2.44 -2.74 5.61
O6 EPZ C . -2.47 -3.61 4.45
C7 EPZ C . 2.53 0.78 3.29
O7 EPZ C . 2.85 -0.36 2.95
C8 EPZ C . 3.50 1.94 3.26
PA EPZ C . -0.15 -2.16 9.53
PB EPZ C . 0.95 -0.12 7.77
O1A EPZ C . -0.21 -3.58 9.05
O1B EPZ C . 2.24 -0.83 7.68
C1D EPZ C . -2.28 -1.42 13.74
C1E EPZ C . -1.25 3.53 1.89
O1E EPZ C . -1.26 4.75 2.18
N1U EPZ C . -0.91 -1.23 14.27
O2A EPZ C . 0.99 -1.76 10.39
O2B EPZ C . 0.74 1.13 8.52
C2D EPZ C . -2.68 -0.27 12.82
O2D EPZ C . -3.18 0.87 13.49
C2E EPZ C . -1.67 2.64 3.04
O2E EPZ C . -0.96 3.01 0.79
C2U EPZ C . -0.74 -1.04 15.63
O2U EPZ C . -1.67 -1.09 16.44
O3A EPZ C . -0.12 -1.17 8.31
C3D EPZ C . -3.77 -0.97 11.99
O3D EPZ C . -5.02 -0.96 12.65
C3E EPZ C . -3.14 2.84 3.33
N3U EPZ C . 0.56 -0.85 16.03
C4D EPZ C . -3.21 -2.37 11.85
O4D EPZ C . -2.27 -2.57 12.95
C4U EPZ C . 1.69 -0.80 15.23
O4U EPZ C . 2.79 -0.57 15.76
C5D EPZ C . -2.51 -2.67 10.55
O5D EPZ C . -1.47 -1.69 10.32
C5U EPZ C . 1.42 -0.97 13.84
C6U EPZ C . 0.17 -1.17 13.40
#